data_5E6D
#
_entry.id   5E6D
#
_cell.length_a   39.059
_cell.length_b   97.145
_cell.length_c   104.018
_cell.angle_alpha   90.00
_cell.angle_beta   90.00
_cell.angle_gamma   90.00
#
_symmetry.space_group_name_H-M   'P 21 21 21'
#
loop_
_entity.id
_entity.type
_entity.pdbx_description
1 polymer "DNA (5'-D(*GP*CP*TP*CP*CP*GP*GP*AP*AP*TP*TP*TP*CP*CP*AP*A)-3')"
2 polymer "DNA (5'-D(*TP*TP*GP*GP*AP*AP*AP*TP*TP*CP*CP*GP*GP*AP*GP*C)-3')"
3 polymer 'Glucocorticoid receptor'
4 non-polymer 'ZINC ION'
5 water water
#
loop_
_entity_poly.entity_id
_entity_poly.type
_entity_poly.pdbx_seq_one_letter_code
_entity_poly.pdbx_strand_id
1 'polydeoxyribonucleotide' (DG)(DC)(DT)(DC)(DC)(DG)(DG)(DA)(DA)(DT)(DT)(DT)(DC)(DC)(DA)(DA) C
2 'polydeoxyribonucleotide' (DT)(DT)(DG)(DG)(DA)(DA)(DA)(DT)(DT)(DC)(DC)(DG)(DG)(DA)(DG)(DC) D
3 'polypeptide(L)'
;MHHHHHHSSGVDLGTENLYFQSNAPPKLCLVCSDEASGCHYGVLTCGSCKVFFKRAVEGQHNYLCAGRNDCIIDKIRRKN
CPACRYRKCLQAGMNLEARKTKKKIKGIQQATTG
;
A,B
#
loop_
_chem_comp.id
_chem_comp.type
_chem_comp.name
_chem_comp.formula
DA DNA linking 2'-DEOXYADENOSINE-5'-MONOPHOSPHATE 'C10 H14 N5 O6 P'
DC DNA linking 2'-DEOXYCYTIDINE-5'-MONOPHOSPHATE 'C9 H14 N3 O7 P'
DG DNA linking 2'-DEOXYGUANOSINE-5'-MONOPHOSPHATE 'C10 H14 N5 O7 P'
DT DNA linking THYMIDINE-5'-MONOPHOSPHATE 'C10 H15 N2 O8 P'
ZN non-polymer 'ZINC ION' 'Zn 2'
#
# COMPACT_ATOMS: atom_id res chain seq x y z
N PRO C 26 10.17 5.37 -24.68
CA PRO C 26 9.30 4.23 -24.95
C PRO C 26 9.53 3.06 -23.98
N LYS C 27 9.39 1.82 -24.45
CA LYS C 27 9.78 0.64 -23.69
C LYS C 27 9.06 0.46 -22.35
N LEU C 28 7.73 0.55 -22.32
CA LEU C 28 7.09 0.85 -21.03
C LEU C 28 6.09 -0.23 -20.50
N CYS C 29 6.27 -0.64 -19.23
CA CYS C 29 5.60 -1.81 -18.59
C CYS C 29 4.07 -1.78 -18.61
N LEU C 30 3.47 -2.94 -18.88
CA LEU C 30 2.03 -3.08 -19.03
C LEU C 30 1.32 -3.17 -17.68
N VAL C 31 2.09 -3.12 -16.61
CA VAL C 31 1.54 -3.29 -15.28
C VAL C 31 1.81 -2.08 -14.38
N CYS C 32 3.06 -1.83 -14.05
CA CYS C 32 3.38 -0.74 -13.12
C CYS C 32 3.68 0.55 -13.88
N SER C 33 3.54 0.50 -15.19
CA SER C 33 3.74 1.67 -16.04
C SER C 33 5.11 2.31 -15.85
N ASP C 34 6.14 1.49 -15.72
CA ASP C 34 7.52 1.96 -15.67
C ASP C 34 8.22 1.37 -16.90
N GLU C 35 9.49 1.67 -17.12
CA GLU C 35 10.08 1.38 -18.42
C GLU C 35 10.59 -0.07 -18.45
N ALA C 36 10.21 -0.80 -19.50
CA ALA C 36 10.28 -2.27 -19.53
C ALA C 36 11.64 -2.86 -19.84
N SER C 37 12.12 -3.67 -18.89
CA SER C 37 13.36 -4.43 -19.01
C SER C 37 13.32 -5.36 -20.21
N GLY C 38 12.14 -5.88 -20.51
CA GLY C 38 11.94 -6.77 -21.63
C GLY C 38 10.72 -7.65 -21.39
N CYS C 39 10.36 -8.45 -22.39
CA CYS C 39 9.21 -9.34 -22.24
C CYS C 39 9.50 -10.39 -21.18
N HIS C 40 8.63 -10.43 -20.17
CA HIS C 40 8.83 -11.31 -19.01
C HIS C 40 7.57 -12.07 -18.69
N TYR C 41 7.68 -13.40 -18.59
CA TYR C 41 6.54 -14.26 -18.31
C TYR C 41 5.41 -14.00 -19.28
N GLY C 42 5.76 -13.71 -20.53
CA GLY C 42 4.79 -13.53 -21.59
C GLY C 42 4.30 -12.11 -21.77
N VAL C 43 4.74 -11.21 -20.90
CA VAL C 43 4.24 -9.84 -20.92
C VAL C 43 5.37 -8.83 -20.83
N LEU C 44 5.32 -7.81 -21.69
CA LEU C 44 6.25 -6.70 -21.58
C LEU C 44 6.05 -6.05 -20.21
N THR C 45 7.12 -6.02 -19.41
CA THR C 45 7.04 -5.54 -18.02
C THR C 45 8.37 -4.97 -17.57
N CYS C 46 8.34 -4.24 -16.47
CA CYS C 46 9.56 -3.79 -15.84
C CYS C 46 10.20 -4.94 -15.07
N GLY C 47 11.34 -4.66 -14.44
CA GLY C 47 12.02 -5.68 -13.67
C GLY C 47 11.43 -5.86 -12.28
N SER C 48 10.90 -4.76 -11.72
CA SER C 48 10.28 -4.81 -10.40
C SER C 48 9.09 -5.75 -10.38
N CYS C 49 8.21 -5.59 -11.36
CA CYS C 49 7.01 -6.41 -11.46
C CYS C 49 7.34 -7.87 -11.78
N LYS C 50 8.45 -8.07 -12.51
CA LYS C 50 8.93 -9.41 -12.82
C LYS C 50 9.14 -10.23 -11.56
N VAL C 51 9.92 -9.70 -10.63
CA VAL C 51 10.24 -10.43 -9.41
C VAL C 51 9.08 -10.34 -8.41
N PHE C 52 8.23 -9.33 -8.57
CA PHE C 52 7.02 -9.27 -7.76
C PHE C 52 6.11 -10.43 -8.13
N PHE C 53 5.82 -10.57 -9.42
CA PHE C 53 4.95 -11.63 -9.90
C PHE C 53 5.52 -13.00 -9.56
N LYS C 54 6.82 -13.16 -9.77
CA LYS C 54 7.51 -14.40 -9.44
C LYS C 54 7.30 -14.75 -7.98
N ARG C 55 7.41 -13.75 -7.12
CA ARG C 55 7.26 -13.96 -5.68
C ARG C 55 5.80 -14.23 -5.31
N ALA C 56 4.88 -13.62 -6.05
CA ALA C 56 3.46 -13.78 -5.76
C ALA C 56 2.96 -15.19 -6.08
N VAL C 57 3.38 -15.76 -7.21
CA VAL C 57 2.87 -17.05 -7.63
C VAL C 57 3.42 -18.22 -6.81
N GLU C 58 4.68 -18.13 -6.40
CA GLU C 58 5.29 -19.20 -5.61
C GLU C 58 4.84 -19.14 -4.17
N GLY C 59 4.52 -17.93 -3.71
CA GLY C 59 4.10 -17.74 -2.34
C GLY C 59 2.60 -17.69 -2.23
N GLN C 60 2.14 -16.85 -1.32
CA GLN C 60 0.72 -16.63 -1.17
C GLN C 60 0.24 -15.29 -1.75
N HIS C 61 -1.00 -15.35 -2.25
CA HIS C 61 -1.85 -14.31 -2.87
C HIS C 61 -2.57 -13.48 -1.82
N ASN C 62 -2.40 -13.88 -0.57
CA ASN C 62 -3.41 -13.64 0.46
C ASN C 62 -3.71 -12.17 0.70
N TYR C 63 -3.01 -11.33 -0.07
CA TYR C 63 -3.14 -9.89 -0.07
C TYR C 63 -4.58 -9.41 -0.11
N LEU C 64 -4.85 -8.36 0.66
CA LEU C 64 -6.14 -7.71 0.64
C LEU C 64 -6.00 -6.33 0.02
N CYS C 65 -7.08 -5.86 -0.60
CA CYS C 65 -7.13 -4.49 -1.10
C CYS C 65 -7.90 -3.62 -0.12
N ALA C 66 -7.34 -2.47 0.23
CA ALA C 66 -7.99 -1.56 1.17
C ALA C 66 -8.92 -0.61 0.43
N GLY C 67 -8.84 -0.67 -0.90
CA GLY C 67 -9.73 0.09 -1.76
C GLY C 67 -10.83 -0.79 -2.32
N ARG C 68 -11.24 -0.48 -3.55
CA ARG C 68 -12.30 -1.21 -4.26
C ARG C 68 -11.80 -2.25 -5.28
N ASN C 69 -10.51 -2.55 -5.22
CA ASN C 69 -9.79 -3.40 -6.19
C ASN C 69 -9.63 -2.81 -7.59
N ASP C 70 -9.79 -1.50 -7.71
CA ASP C 70 -9.36 -0.77 -8.90
C ASP C 70 -8.09 0.07 -8.70
N CYS C 71 -7.39 -0.11 -7.58
CA CYS C 71 -6.25 0.76 -7.20
C CYS C 71 -5.28 1.03 -8.36
N ILE C 72 -4.83 2.28 -8.47
CA ILE C 72 -3.93 2.68 -9.54
C ILE C 72 -2.50 2.20 -9.28
N ILE C 73 -1.90 1.56 -10.29
CA ILE C 73 -0.55 1.04 -10.14
C ILE C 73 0.49 1.81 -10.96
N ASP C 74 1.45 2.40 -10.26
CA ASP C 74 2.64 2.98 -10.90
C ASP C 74 3.82 2.95 -9.92
N LYS C 75 4.97 3.48 -10.33
CA LYS C 75 6.21 3.30 -9.59
C LYS C 75 6.12 3.72 -8.12
N ILE C 76 5.43 4.82 -7.83
CA ILE C 76 5.24 5.24 -6.45
C ILE C 76 4.12 4.44 -5.78
N ARG C 77 3.03 4.24 -6.50
CA ARG C 77 1.85 3.58 -5.93
C ARG C 77 1.90 2.05 -5.90
N ARG C 78 2.78 1.44 -6.71
CA ARG C 78 2.74 -0.01 -6.92
C ARG C 78 2.93 -0.85 -5.66
N LYS C 79 3.62 -0.31 -4.65
CA LYS C 79 3.86 -1.06 -3.43
C LYS C 79 2.70 -0.92 -2.44
N ASN C 80 1.77 -0.03 -2.74
CA ASN C 80 0.63 0.19 -1.87
C ASN C 80 -0.33 -0.99 -1.85
N CYS C 81 -0.66 -1.49 -3.03
CA CYS C 81 -1.63 -2.57 -3.12
C CYS C 81 -1.12 -3.76 -3.93
N PRO C 82 -0.47 -4.70 -3.25
CA PRO C 82 -0.03 -5.96 -3.85
C PRO C 82 -1.19 -6.69 -4.52
N ALA C 83 -2.36 -6.64 -3.88
CA ALA C 83 -3.55 -7.32 -4.41
C ALA C 83 -3.90 -6.85 -5.81
N CYS C 84 -4.07 -5.55 -5.98
CA CYS C 84 -4.40 -4.99 -7.29
C CYS C 84 -3.28 -5.18 -8.30
N ARG C 85 -2.04 -5.03 -7.83
CA ARG C 85 -0.87 -5.22 -8.68
C ARG C 85 -0.82 -6.65 -9.22
N TYR C 86 -1.06 -7.60 -8.33
CA TYR C 86 -1.07 -9.01 -8.72
C TYR C 86 -2.18 -9.28 -9.71
N ARG C 87 -3.35 -8.70 -9.45
CA ARG C 87 -4.48 -8.81 -10.35
C ARG C 87 -4.11 -8.32 -11.74
N LYS C 88 -3.47 -7.15 -11.81
CA LYS C 88 -3.06 -6.59 -13.10
C LYS C 88 -2.10 -7.52 -13.84
N CYS C 89 -1.19 -8.15 -13.11
CA CYS C 89 -0.27 -9.10 -13.72
C CYS C 89 -1.04 -10.23 -14.39
N LEU C 90 -1.98 -10.81 -13.66
CA LEU C 90 -2.81 -11.88 -14.19
C LEU C 90 -3.66 -11.38 -15.35
N GLN C 91 -4.18 -10.16 -15.20
CA GLN C 91 -4.97 -9.53 -16.25
C GLN C 91 -4.13 -9.34 -17.49
N ALA C 92 -2.86 -9.03 -17.29
CA ALA C 92 -1.94 -8.78 -18.40
C ALA C 92 -1.58 -10.07 -19.13
N GLY C 93 -1.79 -11.21 -18.47
CA GLY C 93 -1.53 -12.50 -19.08
C GLY C 93 -0.25 -13.16 -18.61
N MET C 94 0.38 -12.58 -17.58
CA MET C 94 1.62 -13.12 -17.04
C MET C 94 1.45 -14.56 -16.56
N ASN C 95 2.37 -15.43 -16.96
CA ASN C 95 2.36 -16.83 -16.55
C ASN C 95 3.78 -17.39 -16.47
N LEU C 96 4.01 -18.28 -15.52
CA LEU C 96 5.36 -18.77 -15.24
C LEU C 96 6.03 -19.50 -16.41
N GLU C 97 5.28 -20.34 -17.10
CA GLU C 97 5.85 -21.05 -18.25
C GLU C 97 5.40 -20.40 -19.55
N ALA C 98 6.34 -19.74 -20.22
CA ALA C 98 6.05 -19.00 -21.44
C ALA C 98 7.31 -18.82 -22.29
N LYS D 27 -10.52 -0.69 24.01
CA LYS D 27 -9.11 -1.09 23.98
C LYS D 27 -8.54 -0.88 22.58
N LEU D 28 -9.39 -0.44 21.67
CA LEU D 28 -9.04 -0.38 20.26
C LEU D 28 -8.38 0.93 19.85
N CYS D 29 -7.32 0.80 19.07
CA CYS D 29 -6.71 1.92 18.38
C CYS D 29 -7.78 2.63 17.54
N LEU D 30 -7.92 3.94 17.72
CA LEU D 30 -8.96 4.68 17.02
C LEU D 30 -8.64 4.81 15.54
N VAL D 31 -7.45 4.36 15.15
CA VAL D 31 -7.03 4.42 13.76
C VAL D 31 -7.06 3.05 13.05
N CYS D 32 -6.20 2.12 13.49
CA CYS D 32 -6.11 0.82 12.83
C CYS D 32 -6.97 -0.25 13.50
N SER D 33 -7.59 0.12 14.62
CA SER D 33 -8.43 -0.79 15.40
C SER D 33 -7.69 -2.05 15.85
N ASP D 34 -6.37 -1.94 16.01
CA ASP D 34 -5.62 -2.91 16.78
C ASP D 34 -5.76 -2.48 18.24
N GLU D 35 -5.08 -3.17 19.15
CA GLU D 35 -5.24 -2.82 20.55
C GLU D 35 -4.30 -1.69 20.93
N ALA D 36 -4.84 -0.71 21.66
CA ALA D 36 -4.09 0.48 22.04
C ALA D 36 -3.00 0.21 23.07
N SER D 37 -1.84 0.82 22.85
CA SER D 37 -0.72 0.72 23.80
C SER D 37 -0.80 1.85 24.81
N GLY D 38 -1.78 2.72 24.61
CA GLY D 38 -2.00 3.86 25.49
C GLY D 38 -2.58 5.01 24.70
N CYS D 39 -2.69 6.16 25.34
CA CYS D 39 -3.06 7.39 24.65
C CYS D 39 -1.80 8.21 24.36
N HIS D 40 -1.43 8.32 23.09
CA HIS D 40 -0.29 9.16 22.72
C HIS D 40 -0.72 10.20 21.69
N TYR D 41 -0.10 11.37 21.75
CA TYR D 41 -0.36 12.49 20.85
C TYR D 41 -1.83 12.90 20.84
N GLY D 42 -2.47 12.73 21.99
CA GLY D 42 -3.81 13.21 22.22
C GLY D 42 -4.90 12.25 21.78
N VAL D 43 -4.49 11.07 21.34
CA VAL D 43 -5.45 10.06 20.86
C VAL D 43 -5.06 8.67 21.35
N LEU D 44 -6.06 7.85 21.64
CA LEU D 44 -5.83 6.46 21.99
C LEU D 44 -5.55 5.67 20.70
N THR D 45 -4.35 5.09 20.55
CA THR D 45 -4.12 4.21 19.40
C THR D 45 -3.05 3.16 19.77
N CYS D 46 -2.57 2.43 18.76
CA CYS D 46 -1.66 1.31 18.94
C CYS D 46 -0.19 1.68 18.85
N GLY D 47 0.67 0.67 18.87
CA GLY D 47 2.11 0.87 18.80
C GLY D 47 2.62 1.29 17.45
N SER D 48 2.27 0.53 16.42
CA SER D 48 2.71 0.85 15.05
C SER D 48 2.12 2.16 14.58
N CYS D 49 0.85 2.37 14.91
CA CYS D 49 0.20 3.64 14.61
C CYS D 49 0.84 4.79 15.35
N LYS D 50 1.40 4.48 16.51
CA LYS D 50 2.29 5.45 17.15
C LYS D 50 3.79 5.33 17.00
N VAL D 51 4.27 4.52 16.09
CA VAL D 51 5.57 4.87 15.54
C VAL D 51 5.32 5.46 14.08
N PHE D 52 4.05 5.57 13.61
CA PHE D 52 3.73 6.08 12.24
C PHE D 52 3.47 7.60 11.94
N PHE D 53 2.68 8.28 12.79
CA PHE D 53 2.27 9.69 12.61
C PHE D 53 3.53 10.58 12.53
N LYS D 54 4.24 10.81 13.64
CA LYS D 54 5.55 10.13 13.82
C LYS D 54 6.36 9.98 12.52
N ARG D 55 7.15 10.97 12.10
CA ARG D 55 8.02 10.72 10.92
C ARG D 55 7.23 10.95 9.63
N ALA D 56 5.92 11.03 9.75
CA ALA D 56 5.15 11.60 8.67
C ALA D 56 5.17 13.11 8.85
N VAL D 57 5.13 13.57 10.09
CA VAL D 57 5.03 15.02 10.35
C VAL D 57 6.34 15.79 10.15
N GLU D 58 7.45 15.28 10.68
CA GLU D 58 8.74 15.91 10.43
C GLU D 58 9.48 15.22 9.30
N GLY D 59 8.81 14.24 8.68
CA GLY D 59 9.18 13.84 7.34
C GLY D 59 8.44 14.80 6.43
N GLN D 60 7.33 15.32 6.95
CA GLN D 60 6.35 16.12 6.20
C GLN D 60 6.14 15.51 4.82
N HIS D 61 5.60 14.30 4.83
CA HIS D 61 5.56 13.42 3.65
C HIS D 61 4.44 13.69 2.65
N ASN D 62 4.76 13.38 1.40
CA ASN D 62 3.83 13.41 0.27
C ASN D 62 2.58 12.52 0.41
N TYR D 63 2.78 11.20 0.31
CA TYR D 63 1.71 10.21 0.52
C TYR D 63 0.51 10.32 -0.43
N LEU D 64 0.67 9.82 -1.66
CA LEU D 64 -0.42 9.71 -2.61
C LEU D 64 -1.21 8.39 -2.50
N CYS D 65 -2.53 8.49 -2.40
CA CYS D 65 -3.43 7.33 -2.39
C CYS D 65 -3.62 6.79 -3.81
N ALA D 66 -3.68 5.46 -3.93
CA ALA D 66 -3.94 4.84 -5.24
C ALA D 66 -5.43 4.58 -5.40
N GLY D 67 -6.16 4.86 -4.33
CA GLY D 67 -7.60 4.71 -4.29
C GLY D 67 -8.32 6.04 -4.44
N ARG D 68 -9.42 6.16 -3.71
CA ARG D 68 -10.25 7.36 -3.69
C ARG D 68 -10.06 8.29 -2.49
N ASN D 69 -9.05 8.02 -1.66
CA ASN D 69 -8.79 8.72 -0.39
C ASN D 69 -9.69 8.23 0.76
N ASP D 70 -10.57 7.28 0.46
CA ASP D 70 -11.41 6.63 1.48
C ASP D 70 -10.90 5.24 1.95
N CYS D 71 -9.65 4.89 1.67
CA CYS D 71 -9.12 3.56 2.01
C CYS D 71 -9.40 3.06 3.44
N ILE D 72 -9.73 1.79 3.55
CA ILE D 72 -9.98 1.14 4.84
C ILE D 72 -8.68 0.93 5.63
N ILE D 73 -8.70 1.37 6.89
CA ILE D 73 -7.53 1.23 7.74
C ILE D 73 -7.77 0.25 8.88
N ASP D 74 -7.15 -0.92 8.80
CA ASP D 74 -7.23 -1.89 9.89
C ASP D 74 -5.88 -2.57 10.10
N LYS D 75 -5.88 -3.62 10.91
CA LYS D 75 -4.65 -4.24 11.40
C LYS D 75 -3.64 -4.59 10.32
N ILE D 76 -4.02 -5.39 9.34
CA ILE D 76 -3.05 -5.81 8.33
C ILE D 76 -3.05 -4.95 7.07
N ARG D 77 -4.04 -4.07 6.92
CA ARG D 77 -4.09 -3.18 5.75
C ARG D 77 -3.46 -1.82 5.97
N ARG D 78 -3.14 -1.48 7.21
CA ARG D 78 -2.76 -0.11 7.55
C ARG D 78 -1.53 0.36 6.79
N LYS D 79 -0.69 -0.58 6.37
CA LYS D 79 0.54 -0.24 5.67
C LYS D 79 0.32 -0.08 4.17
N ASN D 80 -0.90 -0.34 3.71
CA ASN D 80 -1.20 -0.20 2.29
C ASN D 80 -1.26 1.25 1.85
N CYS D 81 -1.92 2.09 2.65
CA CYS D 81 -2.10 3.48 2.28
C CYS D 81 -1.70 4.43 3.41
N PRO D 82 -0.41 4.80 3.47
CA PRO D 82 0.07 5.80 4.42
C PRO D 82 -0.72 7.10 4.34
N ALA D 83 -1.14 7.46 3.13
CA ALA D 83 -1.90 8.69 2.91
C ALA D 83 -3.20 8.70 3.70
N CYS D 84 -4.06 7.72 3.44
CA CYS D 84 -5.32 7.61 4.15
C CYS D 84 -5.11 7.35 5.64
N ARG D 85 -4.06 6.58 5.95
CA ARG D 85 -3.72 6.33 7.34
C ARG D 85 -3.33 7.61 8.05
N TYR D 86 -2.48 8.40 7.39
CA TYR D 86 -2.06 9.69 7.95
C TYR D 86 -3.25 10.62 8.05
N ARG D 87 -4.09 10.60 7.01
CA ARG D 87 -5.33 11.35 7.03
C ARG D 87 -6.06 10.99 8.32
N LYS D 88 -6.52 9.75 8.41
CA LYS D 88 -7.32 9.30 9.57
C LYS D 88 -6.65 9.60 10.91
N CYS D 89 -5.31 9.66 10.94
CA CYS D 89 -4.61 10.09 12.14
C CYS D 89 -5.01 11.52 12.52
N LEU D 90 -4.90 12.43 11.56
CA LEU D 90 -5.17 13.85 11.80
C LEU D 90 -6.60 14.14 12.28
N GLN D 91 -7.60 13.56 11.63
CA GLN D 91 -8.98 13.87 11.97
C GLN D 91 -9.47 13.07 13.17
N ALA D 92 -8.59 12.26 13.74
CA ALA D 92 -8.83 11.71 15.07
C ALA D 92 -8.22 12.66 16.09
N GLY D 93 -7.45 13.63 15.60
CA GLY D 93 -6.94 14.71 16.42
C GLY D 93 -5.48 14.67 16.85
N MET D 94 -4.72 13.71 16.33
CA MET D 94 -3.32 13.57 16.71
C MET D 94 -2.51 14.81 16.36
N ASN D 95 -1.68 15.26 17.30
CA ASN D 95 -0.83 16.43 17.12
C ASN D 95 0.38 16.34 18.03
N LEU D 96 1.44 17.07 17.71
CA LEU D 96 2.58 17.11 18.61
C LEU D 96 2.44 18.31 19.52
N GLU D 97 1.99 18.05 20.75
CA GLU D 97 1.68 19.05 21.79
C GLU D 97 1.10 18.31 22.98
N ALA D 98 1.14 18.95 24.15
CA ALA D 98 0.60 18.37 25.38
C ALA D 98 0.63 19.42 26.50
ZN ZN E . 6.29 -2.88 -13.74
ZN ZN F . -6.22 -2.22 -4.32
ZN ZN G . -5.99 5.45 0.39
ZN ZN H . -3.24 1.76 15.07
#